data_4LIK
#
_entry.id   4LIK
#
_cell.length_a   101.812
_cell.length_b   71.916
_cell.length_c   84.797
_cell.angle_alpha   90.00
_cell.angle_beta   122.04
_cell.angle_gamma   90.00
#
_symmetry.space_group_name_H-M   'C 1 2 1'
#
loop_
_entity.id
_entity.type
_entity.pdbx_description
1 polymer 'DNA primase small subunit'
2 non-polymer 'ZINC ION'
3 non-polymer 'CITRIC ACID'
4 water water
#
_entity_poly.entity_id   1
_entity_poly.type   'polypeptide(L)'
_entity_poly.pdbx_seq_one_letter_code
;GPGSMETFDPTELPELLKLYYRRLFPYSQYYRWLNYGGVIKNYFQHREFSFTLKDDIYIRYQSFNNQSDLEKEMQKMNPY
KIDIGAVYSHRPNQHNTVKLGAFQAQEKELVFDIDMTDYDDVRRCCSSADICPKCWTLMTMAIRIIDRALKEDFGFKHRL
WVYSGRRGVHCWVCDESVRKLSSAVRSGIVEYLSLVKGGQDVKKKVHLSEKIHPFIRKSINIIKKYFEEYALVNQDILEN
KESWDKILALVPETIHDELQQSFQKSHNSLQRWEHLKKVASRYQNNIKNDKYGPWLEWEIMLQYCFPRLDINVSKGINHL
LKSPFSVHPKTGRISVPIDLQKVDQFDPFTVPTISFICRELDATRDYKKTSLAPYVKVFEHFLENLDKSRKG
;
_entity_poly.pdbx_strand_id   A
#
loop_
_chem_comp.id
_chem_comp.type
_chem_comp.name
_chem_comp.formula
CIT non-polymer 'CITRIC ACID' 'C6 H8 O7'
ZN non-polymer 'ZINC ION' 'Zn 2'
#
# COMPACT_ATOMS: atom_id res chain seq x y z
N MET A 5 8.81 13.73 -11.61
CA MET A 5 8.09 13.88 -12.88
C MET A 5 7.53 15.28 -13.06
N GLU A 6 7.27 15.64 -14.31
CA GLU A 6 6.57 16.87 -14.64
C GLU A 6 5.11 16.79 -14.19
N THR A 7 4.56 17.93 -13.79
CA THR A 7 3.16 18.00 -13.38
C THR A 7 2.23 17.45 -14.46
N PHE A 8 1.48 16.43 -14.09
CA PHE A 8 0.57 15.75 -15.01
C PHE A 8 -0.60 16.66 -15.42
N ASP A 9 -0.98 16.62 -16.70
CA ASP A 9 -2.21 17.29 -17.16
C ASP A 9 -3.36 16.31 -17.38
N PRO A 10 -4.29 16.26 -16.42
CA PRO A 10 -5.34 15.23 -16.43
C PRO A 10 -6.35 15.40 -17.57
N THR A 11 -6.27 16.50 -18.33
CA THR A 11 -7.18 16.70 -19.45
C THR A 11 -6.79 15.77 -20.60
N GLU A 12 -5.59 15.20 -20.54
CA GLU A 12 -5.12 14.33 -21.61
C GLU A 12 -5.45 12.86 -21.32
N LEU A 13 -6.05 12.59 -20.17
CA LEU A 13 -6.35 11.21 -19.77
C LEU A 13 -7.10 10.38 -20.79
N PRO A 14 -8.19 10.92 -21.37
CA PRO A 14 -8.93 10.04 -22.28
C PRO A 14 -8.03 9.46 -23.39
N GLU A 15 -7.22 10.30 -24.04
CA GLU A 15 -6.39 9.80 -25.12
C GLU A 15 -5.22 8.99 -24.60
N LEU A 16 -4.69 9.40 -23.46
CA LEU A 16 -3.54 8.69 -22.90
C LEU A 16 -3.96 7.32 -22.39
N LEU A 17 -5.11 7.23 -21.75
CA LEU A 17 -5.56 5.93 -21.29
C LEU A 17 -5.79 5.00 -22.46
N LYS A 18 -6.36 5.51 -23.56
CA LYS A 18 -6.55 4.69 -24.75
C LYS A 18 -5.23 4.08 -25.23
N LEU A 19 -4.20 4.91 -25.32
CA LEU A 19 -2.91 4.40 -25.77
C LEU A 19 -2.33 3.42 -24.75
N TYR A 20 -2.45 3.75 -23.46
CA TYR A 20 -1.88 2.90 -22.41
C TYR A 20 -2.52 1.52 -22.42
N TYR A 21 -3.85 1.47 -22.51
CA TYR A 21 -4.52 0.18 -22.47
C TYR A 21 -4.35 -0.59 -23.76
N ARG A 22 -4.06 0.12 -24.84
CA ARG A 22 -3.82 -0.55 -26.10
C ARG A 22 -2.41 -1.14 -26.22
N ARG A 23 -1.38 -0.47 -25.65
CA ARG A 23 0.00 -0.79 -25.98
CA ARG A 23 0.02 -0.78 -25.98
C ARG A 23 0.92 -1.04 -24.78
N LEU A 24 0.50 -0.62 -23.60
CA LEU A 24 1.41 -0.63 -22.45
C LEU A 24 0.99 -1.49 -21.25
N PHE A 25 -0.31 -1.54 -20.97
CA PHE A 25 -0.75 -2.25 -19.78
C PHE A 25 -0.30 -3.71 -19.93
N PRO A 26 0.31 -4.28 -18.86
CA PRO A 26 0.95 -5.58 -19.04
C PRO A 26 0.00 -6.77 -18.90
N TYR A 27 -0.83 -6.99 -19.94
CA TYR A 27 -1.87 -8.00 -19.83
C TYR A 27 -1.34 -9.40 -19.62
N SER A 28 -0.25 -9.76 -20.30
CA SER A 28 0.24 -11.13 -20.22
CA SER A 28 0.20 -11.13 -20.21
C SER A 28 0.65 -11.44 -18.79
N GLN A 29 1.33 -10.50 -18.17
CA GLN A 29 1.78 -10.69 -16.78
C GLN A 29 0.58 -10.63 -15.82
N TYR A 30 -0.35 -9.72 -16.11
CA TYR A 30 -1.51 -9.54 -15.24
C TYR A 30 -2.36 -10.80 -15.20
N TYR A 31 -2.57 -11.39 -16.38
CA TYR A 31 -3.30 -12.65 -16.46
C TYR A 31 -2.51 -13.81 -15.85
N ARG A 32 -1.19 -13.85 -16.09
CA ARG A 32 -0.38 -14.87 -15.46
CA ARG A 32 -0.35 -14.83 -15.44
C ARG A 32 -0.54 -14.78 -13.93
N TRP A 33 -0.67 -13.57 -13.42
CA TRP A 33 -0.86 -13.41 -11.97
C TRP A 33 -2.19 -13.99 -11.55
N LEU A 34 -3.28 -13.42 -12.06
CA LEU A 34 -4.60 -13.74 -11.54
C LEU A 34 -5.15 -15.11 -11.96
N ASN A 35 -4.55 -15.73 -12.98
CA ASN A 35 -4.96 -17.08 -13.38
C ASN A 35 -4.27 -18.14 -12.50
N TYR A 36 -3.25 -17.73 -11.75
CA TYR A 36 -2.56 -18.61 -10.81
C TYR A 36 -2.27 -19.98 -11.38
N GLY A 37 -1.68 -19.98 -12.56
CA GLY A 37 -1.19 -21.22 -13.18
C GLY A 37 -2.26 -22.05 -13.85
N GLY A 38 -3.50 -21.58 -13.78
CA GLY A 38 -4.61 -22.28 -14.42
C GLY A 38 -4.95 -23.61 -13.78
N VAL A 39 -4.47 -23.83 -12.57
CA VAL A 39 -4.64 -25.12 -11.93
C VAL A 39 -6.02 -25.29 -11.28
N ILE A 40 -6.70 -24.19 -11.00
CA ILE A 40 -8.05 -24.25 -10.44
C ILE A 40 -9.05 -23.79 -11.50
N LYS A 41 -10.03 -24.63 -11.80
CA LYS A 41 -11.03 -24.29 -12.82
C LYS A 41 -11.78 -23.00 -12.46
N ASN A 42 -11.89 -22.10 -13.44
CA ASN A 42 -12.68 -20.87 -13.33
C ASN A 42 -12.11 -19.85 -12.35
N TYR A 43 -10.85 -19.99 -11.95
CA TYR A 43 -10.32 -19.07 -10.94
C TYR A 43 -10.22 -17.64 -11.45
N PHE A 44 -9.86 -17.48 -12.71
CA PHE A 44 -9.84 -16.16 -13.30
C PHE A 44 -11.26 -15.75 -13.75
N GLN A 45 -11.99 -16.70 -14.31
CA GLN A 45 -13.34 -16.41 -14.84
C GLN A 45 -14.28 -15.91 -13.73
N HIS A 46 -14.01 -16.28 -12.48
CA HIS A 46 -14.89 -15.90 -11.36
C HIS A 46 -14.34 -14.75 -10.52
N ARG A 47 -13.28 -14.12 -11.03
CA ARG A 47 -12.73 -12.93 -10.38
C ARG A 47 -13.55 -11.68 -10.67
N GLU A 48 -13.90 -10.95 -9.61
CA GLU A 48 -14.54 -9.66 -9.78
C GLU A 48 -13.51 -8.54 -10.08
N PHE A 49 -13.81 -7.75 -11.09
CA PHE A 49 -13.13 -6.46 -11.28
C PHE A 49 -14.18 -5.36 -11.21
N SER A 50 -13.75 -4.19 -10.79
CA SER A 50 -14.61 -3.00 -10.83
CA SER A 50 -14.63 -3.04 -10.88
C SER A 50 -13.90 -1.93 -11.62
N PHE A 51 -14.67 -1.07 -12.30
CA PHE A 51 -14.03 -0.02 -13.09
C PHE A 51 -14.72 1.29 -12.86
N THR A 52 -13.98 2.38 -12.97
CA THR A 52 -14.58 3.71 -13.05
C THR A 52 -14.43 4.21 -14.48
N LEU A 53 -15.54 4.64 -15.07
CA LEU A 53 -15.64 4.87 -16.50
C LEU A 53 -15.77 6.34 -16.85
N LYS A 54 -15.94 6.60 -18.14
CA LYS A 54 -16.30 7.92 -18.62
C LYS A 54 -17.40 8.50 -17.72
N ASP A 55 -17.34 9.81 -17.46
CA ASP A 55 -18.37 10.46 -16.64
C ASP A 55 -18.35 10.01 -15.18
N ASP A 56 -17.27 9.37 -14.77
CA ASP A 56 -17.14 8.99 -13.36
C ASP A 56 -18.16 7.92 -12.93
N ILE A 57 -18.66 7.16 -13.90
CA ILE A 57 -19.60 6.07 -13.64
C ILE A 57 -18.85 4.88 -13.07
N TYR A 58 -19.34 4.32 -11.96
CA TYR A 58 -18.69 3.19 -11.32
C TYR A 58 -19.44 1.90 -11.62
N ILE A 59 -18.73 0.83 -12.00
CA ILE A 59 -19.40 -0.43 -12.23
C ILE A 59 -18.65 -1.51 -11.55
N ARG A 60 -19.37 -2.46 -10.95
CA ARG A 60 -18.65 -3.59 -10.44
C ARG A 60 -19.19 -4.91 -10.95
N TYR A 61 -18.74 -6.00 -10.33
CA TYR A 61 -19.06 -7.37 -10.76
C TYR A 61 -18.81 -7.58 -12.25
N GLN A 62 -17.70 -7.01 -12.74
CA GLN A 62 -17.28 -7.29 -14.10
C GLN A 62 -16.38 -8.51 -14.05
N SER A 63 -16.45 -9.35 -15.07
CA SER A 63 -15.59 -10.53 -15.10
C SER A 63 -15.38 -10.95 -16.53
N PHE A 64 -14.34 -11.76 -16.73
CA PHE A 64 -13.84 -12.04 -18.08
C PHE A 64 -13.48 -13.50 -18.29
N ASN A 65 -13.64 -14.00 -19.52
CA ASN A 65 -13.44 -15.42 -19.76
C ASN A 65 -11.97 -15.83 -19.87
N ASN A 66 -11.13 -14.90 -20.31
CA ASN A 66 -9.71 -15.18 -20.56
C ASN A 66 -8.98 -13.88 -20.83
N GLN A 67 -7.69 -13.96 -21.13
CA GLN A 67 -6.90 -12.75 -21.31
C GLN A 67 -7.40 -11.89 -22.48
N SER A 68 -7.74 -12.55 -23.59
CA SER A 68 -8.23 -11.82 -24.76
C SER A 68 -9.49 -10.99 -24.46
N ASP A 69 -10.45 -11.59 -23.75
CA ASP A 69 -11.67 -10.91 -23.34
C ASP A 69 -11.33 -9.71 -22.45
N LEU A 70 -10.38 -9.87 -21.51
CA LEU A 70 -10.02 -8.75 -20.65
C LEU A 70 -9.42 -7.62 -21.48
N GLU A 71 -8.55 -7.96 -22.42
CA GLU A 71 -7.91 -6.97 -23.28
C GLU A 71 -8.95 -6.19 -24.07
N LYS A 72 -9.85 -6.91 -24.74
CA LYS A 72 -10.85 -6.30 -25.60
C LYS A 72 -11.75 -5.37 -24.79
N GLU A 73 -12.17 -5.80 -23.60
CA GLU A 73 -13.06 -4.99 -22.80
C GLU A 73 -12.36 -3.78 -22.17
N MET A 74 -11.13 -3.96 -21.67
CA MET A 74 -10.40 -2.83 -21.15
C MET A 74 -10.13 -1.79 -22.24
N GLN A 75 -9.86 -2.24 -23.44
CA GLN A 75 -9.64 -1.31 -24.57
C GLN A 75 -10.92 -0.63 -25.05
N LYS A 76 -12.07 -1.27 -24.82
CA LYS A 76 -13.37 -0.61 -25.06
C LYS A 76 -13.65 0.46 -24.01
N MET A 77 -13.48 0.09 -22.73
CA MET A 77 -13.79 0.96 -21.60
C MET A 77 -12.78 2.08 -21.35
N ASN A 78 -11.49 1.77 -21.54
CA ASN A 78 -10.42 2.69 -21.14
C ASN A 78 -10.68 3.34 -19.79
N PRO A 79 -10.80 2.49 -18.77
CA PRO A 79 -11.24 2.95 -17.45
C PRO A 79 -10.27 3.89 -16.76
N TYR A 80 -10.81 4.91 -16.10
CA TYR A 80 -9.95 5.72 -15.22
C TYR A 80 -9.37 4.89 -14.10
N LYS A 81 -10.18 3.99 -13.53
CA LYS A 81 -9.79 3.24 -12.33
C LYS A 81 -10.14 1.77 -12.51
N ILE A 82 -9.34 0.91 -11.89
CA ILE A 82 -9.56 -0.53 -11.90
C ILE A 82 -9.39 -1.02 -10.47
N ASP A 83 -10.36 -1.78 -9.96
CA ASP A 83 -10.20 -2.41 -8.65
C ASP A 83 -10.34 -3.92 -8.82
N ILE A 84 -9.62 -4.68 -8.00
CA ILE A 84 -9.71 -6.13 -8.03
C ILE A 84 -10.40 -6.61 -6.76
N GLY A 85 -11.36 -7.51 -6.93
CA GLY A 85 -12.08 -8.07 -5.79
C GLY A 85 -11.84 -9.54 -5.63
N ALA A 86 -12.82 -10.23 -5.05
CA ALA A 86 -12.68 -11.65 -4.75
C ALA A 86 -12.91 -12.57 -5.96
N VAL A 87 -12.55 -13.83 -5.75
CA VAL A 87 -12.96 -14.92 -6.65
C VAL A 87 -14.24 -15.52 -6.10
N TYR A 88 -15.29 -15.57 -6.91
CA TYR A 88 -16.63 -15.98 -6.48
C TYR A 88 -17.03 -17.41 -6.87
N SER A 89 -18.18 -17.84 -6.36
CA SER A 89 -18.76 -19.15 -6.64
C SER A 89 -19.32 -19.20 -8.06
N HIS A 90 -19.62 -18.03 -8.60
CA HIS A 90 -20.21 -17.89 -9.93
C HIS A 90 -19.52 -16.73 -10.65
N ARG A 91 -19.71 -16.62 -11.97
CA ARG A 91 -19.16 -15.44 -12.65
C ARG A 91 -19.77 -14.18 -12.07
N PRO A 92 -18.94 -13.21 -11.67
CA PRO A 92 -19.53 -11.96 -11.19
C PRO A 92 -20.48 -11.33 -12.21
N ASN A 93 -20.18 -11.45 -13.50
CA ASN A 93 -21.04 -10.80 -14.50
C ASN A 93 -22.34 -11.52 -14.77
N GLN A 94 -22.62 -12.58 -14.01
CA GLN A 94 -24.01 -13.11 -14.00
C GLN A 94 -24.66 -13.08 -12.63
N HIS A 95 -24.10 -12.27 -11.71
CA HIS A 95 -24.53 -12.37 -10.32
C HIS A 95 -25.98 -12.00 -10.13
N ASN A 96 -26.51 -11.12 -10.99
CA ASN A 96 -27.91 -10.70 -10.84
C ASN A 96 -28.91 -11.80 -11.15
N THR A 97 -28.44 -12.89 -11.76
CA THR A 97 -29.33 -14.01 -12.01
C THR A 97 -28.93 -15.25 -11.25
N VAL A 98 -28.11 -15.05 -10.21
CA VAL A 98 -27.75 -16.13 -9.30
C VAL A 98 -28.67 -16.09 -8.10
N LYS A 99 -29.10 -17.24 -7.61
CA LYS A 99 -30.08 -17.28 -6.52
C LYS A 99 -29.62 -16.56 -5.25
N LEU A 100 -30.57 -15.91 -4.58
CA LEU A 100 -30.31 -15.29 -3.29
C LEU A 100 -29.54 -16.23 -2.37
N GLY A 101 -28.42 -15.74 -1.84
CA GLY A 101 -27.60 -16.52 -0.92
C GLY A 101 -26.58 -17.42 -1.58
N ALA A 102 -26.74 -17.71 -2.87
CA ALA A 102 -25.82 -18.61 -3.54
C ALA A 102 -24.55 -17.94 -4.09
N PHE A 103 -24.60 -16.63 -4.29
CA PHE A 103 -23.46 -15.94 -4.90
C PHE A 103 -22.50 -15.55 -3.77
N GLN A 104 -21.36 -16.23 -3.71
CA GLN A 104 -20.51 -16.12 -2.54
C GLN A 104 -19.06 -15.86 -2.91
N ALA A 105 -18.45 -14.93 -2.20
CA ALA A 105 -17.01 -14.70 -2.36
C ALA A 105 -16.28 -15.86 -1.69
N GLN A 106 -15.37 -16.50 -2.42
CA GLN A 106 -14.72 -17.72 -1.93
C GLN A 106 -13.27 -17.52 -1.54
N GLU A 107 -12.50 -16.83 -2.39
CA GLU A 107 -11.09 -16.62 -2.11
C GLU A 107 -10.66 -15.24 -2.51
N LYS A 108 -9.59 -14.75 -1.88
CA LYS A 108 -8.98 -13.50 -2.31
C LYS A 108 -7.65 -13.33 -1.62
N GLU A 109 -6.74 -12.62 -2.28
CA GLU A 109 -5.48 -12.26 -1.64
C GLU A 109 -5.73 -11.53 -0.34
N LEU A 110 -4.83 -11.70 0.64
CA LEU A 110 -4.87 -10.88 1.84
C LEU A 110 -4.21 -9.56 1.48
N VAL A 111 -4.90 -8.44 1.72
CA VAL A 111 -4.36 -7.14 1.29
C VAL A 111 -4.25 -6.13 2.42
N PHE A 112 -3.34 -5.17 2.25
CA PHE A 112 -3.07 -4.11 3.22
C PHE A 112 -2.93 -2.83 2.44
N ASP A 113 -3.31 -1.73 3.06
CA ASP A 113 -3.27 -0.41 2.44
C ASP A 113 -2.77 0.56 3.49
N ILE A 114 -1.59 1.13 3.29
CA ILE A 114 -1.03 2.11 4.20
CA ILE A 114 -1.07 2.12 4.22
C ILE A 114 -0.99 3.45 3.49
N ASP A 115 -1.62 4.47 4.07
CA ASP A 115 -1.65 5.74 3.35
C ASP A 115 -1.19 6.91 4.21
N MET A 116 -0.48 7.84 3.57
CA MET A 116 0.13 8.94 4.31
C MET A 116 -0.90 9.79 5.04
N THR A 117 -2.12 9.84 4.54
CA THR A 117 -3.15 10.71 5.12
C THR A 117 -3.46 10.35 6.57
N ASP A 118 -3.22 9.10 6.95
CA ASP A 118 -3.48 8.65 8.32
C ASP A 118 -2.41 9.11 9.31
N TYR A 119 -1.44 9.88 8.81
CA TYR A 119 -0.37 10.34 9.68
C TYR A 119 -0.34 11.86 9.89
N ASP A 120 -1.44 12.54 9.60
CA ASP A 120 -1.47 14.00 9.68
C ASP A 120 -0.95 14.49 11.04
N ASP A 121 -1.31 13.79 12.10
CA ASP A 121 -0.99 14.24 13.45
C ASP A 121 0.49 14.12 13.82
N VAL A 122 1.28 13.38 13.02
CA VAL A 122 2.68 13.14 13.39
C VAL A 122 3.72 13.51 12.32
N ARG A 123 3.31 14.22 11.27
CA ARG A 123 4.30 14.82 10.37
C ARG A 123 4.18 16.34 10.34
N ARG A 124 5.31 17.02 10.19
CA ARG A 124 5.38 18.47 10.29
C ARG A 124 5.84 19.07 8.98
N CYS A 125 6.16 18.22 8.02
CA CYS A 125 6.85 18.64 6.81
C CYS A 125 5.93 18.98 5.65
N CYS A 126 4.71 18.44 5.67
CA CYS A 126 3.77 18.64 4.55
C CYS A 126 2.37 19.02 5.02
N SER A 127 1.61 19.62 4.10
CA SER A 127 0.17 19.72 4.27
C SER A 127 -0.38 18.32 4.05
N SER A 128 -1.59 18.05 4.52
CA SER A 128 -2.16 16.72 4.38
C SER A 128 -2.17 16.22 2.93
N ALA A 129 -2.11 17.16 1.99
CA ALA A 129 -2.25 16.84 0.57
C ALA A 129 -0.95 16.49 -0.12
N ASP A 130 0.17 16.95 0.42
CA ASP A 130 1.47 16.69 -0.20
C ASP A 130 2.21 15.52 0.45
N ILE A 131 3.25 15.05 -0.23
CA ILE A 131 4.26 14.23 0.43
C ILE A 131 5.60 14.80 0.05
N CYS A 132 6.64 14.47 0.82
CA CYS A 132 7.98 14.88 0.46
C CYS A 132 8.90 13.72 0.81
N PRO A 133 10.18 13.84 0.42
CA PRO A 133 11.20 12.82 0.67
C PRO A 133 11.43 12.60 2.16
N LYS A 134 11.05 13.59 2.97
CA LYS A 134 11.17 13.48 4.42
C LYS A 134 10.13 12.52 5.01
N CYS A 135 8.87 12.71 4.65
CA CYS A 135 7.80 11.89 5.22
C CYS A 135 7.62 10.56 4.50
N TRP A 136 8.15 10.44 3.28
CA TRP A 136 8.04 9.14 2.61
C TRP A 136 8.69 8.02 3.44
N THR A 137 9.64 8.38 4.30
CA THR A 137 10.28 7.39 5.17
C THR A 137 9.25 6.64 6.01
N LEU A 138 8.13 7.28 6.32
CA LEU A 138 7.04 6.60 7.02
C LEU A 138 6.58 5.35 6.24
N MET A 139 6.51 5.45 4.92
CA MET A 139 6.10 4.32 4.09
C MET A 139 7.19 3.25 4.04
N THR A 140 8.45 3.68 3.96
CA THR A 140 9.58 2.75 4.03
C THR A 140 9.52 1.92 5.30
N MET A 141 9.34 2.57 6.45
CA MET A 141 9.22 1.86 7.72
C MET A 141 7.98 0.96 7.75
N ALA A 142 6.85 1.43 7.22
CA ALA A 142 5.65 0.60 7.14
C ALA A 142 5.89 -0.71 6.37
N ILE A 143 6.51 -0.60 5.20
CA ILE A 143 6.79 -1.79 4.40
C ILE A 143 7.71 -2.72 5.18
N ARG A 144 8.79 -2.18 5.73
CA ARG A 144 9.71 -3.06 6.42
C ARG A 144 9.04 -3.76 7.60
N ILE A 145 8.26 -3.01 8.36
CA ILE A 145 7.65 -3.56 9.57
C ILE A 145 6.61 -4.63 9.24
N ILE A 146 5.74 -4.33 8.27
CA ILE A 146 4.69 -5.27 7.89
C ILE A 146 5.27 -6.42 7.11
N ASP A 147 6.12 -6.14 6.14
CA ASP A 147 6.67 -7.25 5.38
C ASP A 147 7.47 -8.25 6.25
N ARG A 148 8.24 -7.75 7.21
CA ARG A 148 9.00 -8.67 8.06
C ARG A 148 8.03 -9.61 8.76
N ALA A 149 6.94 -9.04 9.28
CA ALA A 149 5.99 -9.86 10.02
C ALA A 149 5.34 -10.88 9.10
N LEU A 150 4.87 -10.43 7.92
CA LEU A 150 4.25 -11.36 7.00
C LEU A 150 5.19 -12.49 6.59
N LYS A 151 6.45 -12.17 6.31
CA LYS A 151 7.44 -13.16 5.89
C LYS A 151 7.89 -14.05 7.03
N GLU A 152 8.36 -13.42 8.10
CA GLU A 152 9.00 -14.18 9.18
C GLU A 152 8.00 -14.79 10.14
N ASP A 153 7.00 -14.00 10.54
CA ASP A 153 6.06 -14.47 11.57
C ASP A 153 5.03 -15.41 10.99
N PHE A 154 4.41 -15.01 9.89
CA PHE A 154 3.33 -15.80 9.30
C PHE A 154 3.78 -16.80 8.23
N GLY A 155 4.98 -16.60 7.70
CA GLY A 155 5.57 -17.57 6.78
C GLY A 155 4.97 -17.41 5.39
N PHE A 156 4.44 -16.23 5.11
CA PHE A 156 3.87 -15.96 3.78
C PHE A 156 4.98 -15.68 2.78
N LYS A 157 4.93 -16.35 1.62
CA LYS A 157 6.04 -16.35 0.68
C LYS A 157 5.89 -15.42 -0.50
N HIS A 158 4.66 -14.99 -0.79
CA HIS A 158 4.35 -14.36 -2.07
C HIS A 158 3.67 -13.03 -1.81
N ARG A 159 4.49 -12.00 -1.65
CA ARG A 159 4.04 -10.69 -1.20
C ARG A 159 4.38 -9.66 -2.27
N LEU A 160 3.36 -9.00 -2.80
CA LEU A 160 3.59 -8.01 -3.83
C LEU A 160 3.27 -6.64 -3.24
N TRP A 161 4.28 -5.77 -3.14
CA TRP A 161 4.04 -4.43 -2.64
C TRP A 161 3.91 -3.49 -3.83
N VAL A 162 2.98 -2.54 -3.76
CA VAL A 162 2.61 -1.74 -4.93
C VAL A 162 2.40 -0.30 -4.50
N TYR A 163 2.95 0.62 -5.27
CA TYR A 163 2.69 2.05 -5.01
C TYR A 163 1.26 2.40 -5.37
N SER A 164 0.64 3.24 -4.53
CA SER A 164 -0.78 3.59 -4.70
C SER A 164 -0.97 4.60 -5.82
N GLY A 165 0.12 5.18 -6.29
CA GLY A 165 0.05 6.19 -7.34
C GLY A 165 0.12 7.61 -6.79
N ARG A 166 -0.05 7.74 -5.47
CA ARG A 166 0.05 9.05 -4.89
C ARG A 166 0.77 9.17 -3.55
N ARG A 167 0.12 8.69 -2.49
CA ARG A 167 0.71 8.84 -1.17
C ARG A 167 0.63 7.62 -0.28
N GLY A 168 0.55 6.43 -0.87
CA GLY A 168 0.53 5.23 -0.04
C GLY A 168 1.08 4.03 -0.76
N VAL A 169 1.05 2.90 -0.05
CA VAL A 169 1.52 1.62 -0.59
C VAL A 169 0.53 0.54 -0.22
N HIS A 170 0.43 -0.48 -1.07
CA HIS A 170 -0.45 -1.61 -0.83
C HIS A 170 0.37 -2.87 -0.83
N CYS A 171 -0.12 -3.90 -0.13
CA CYS A 171 0.49 -5.22 -0.18
C CYS A 171 -0.55 -6.23 -0.58
N TRP A 172 -0.21 -7.10 -1.53
CA TRP A 172 -1.07 -8.22 -1.92
C TRP A 172 -0.34 -9.48 -1.48
N VAL A 173 -0.91 -10.22 -0.53
CA VAL A 173 -0.31 -11.50 -0.15
C VAL A 173 -1.06 -12.62 -0.84
N CYS A 174 -0.31 -13.45 -1.58
CA CYS A 174 -0.90 -14.25 -2.66
C CYS A 174 -0.71 -15.75 -2.54
N ASP A 175 -0.10 -16.19 -1.44
CA ASP A 175 0.06 -17.62 -1.21
C ASP A 175 -1.28 -18.33 -1.35
N GLU A 176 -1.21 -19.57 -1.84
CA GLU A 176 -2.40 -20.38 -2.04
C GLU A 176 -3.21 -20.52 -0.76
N SER A 177 -2.55 -20.78 0.38
CA SER A 177 -3.30 -20.99 1.60
C SER A 177 -3.84 -19.66 2.10
N VAL A 178 -3.16 -18.57 1.74
CA VAL A 178 -3.60 -17.26 2.21
C VAL A 178 -4.88 -16.81 1.49
N ARG A 179 -4.97 -17.12 0.21
CA ARG A 179 -6.15 -16.73 -0.54
C ARG A 179 -7.43 -17.37 -0.01
N LYS A 180 -7.28 -18.49 0.68
CA LYS A 180 -8.42 -19.20 1.27
C LYS A 180 -8.82 -18.73 2.66
N LEU A 181 -8.08 -17.79 3.25
CA LEU A 181 -8.34 -17.44 4.66
C LEU A 181 -9.70 -16.81 4.88
N SER A 182 -10.33 -17.14 6.01
CA SER A 182 -11.63 -16.60 6.33
C SER A 182 -11.52 -15.14 6.72
N SER A 183 -12.65 -14.43 6.71
CA SER A 183 -12.64 -13.06 7.19
CA SER A 183 -12.69 -13.06 7.21
C SER A 183 -12.21 -12.99 8.65
N ALA A 184 -12.59 -13.98 9.46
CA ALA A 184 -12.23 -13.97 10.86
C ALA A 184 -10.71 -14.07 11.06
N VAL A 185 -10.05 -14.94 10.29
CA VAL A 185 -8.59 -15.04 10.36
C VAL A 185 -7.90 -13.78 9.86
N ARG A 186 -8.41 -13.20 8.76
CA ARG A 186 -7.88 -11.94 8.26
C ARG A 186 -7.95 -10.86 9.33
N SER A 187 -9.07 -10.84 10.06
CA SER A 187 -9.22 -9.85 11.13
C SER A 187 -8.19 -10.07 12.22
N GLY A 188 -7.98 -11.33 12.57
CA GLY A 188 -6.98 -11.70 13.57
C GLY A 188 -5.60 -11.21 13.17
N ILE A 189 -5.25 -11.35 11.88
CA ILE A 189 -3.94 -10.91 11.41
C ILE A 189 -3.82 -9.38 11.53
N VAL A 190 -4.86 -8.66 11.12
CA VAL A 190 -4.82 -7.21 11.29
C VAL A 190 -4.60 -6.77 12.73
N GLU A 191 -5.32 -7.40 13.67
CA GLU A 191 -5.22 -7.01 15.06
C GLU A 191 -3.85 -7.35 15.61
N TYR A 192 -3.26 -8.44 15.13
CA TYR A 192 -1.90 -8.80 15.52
C TYR A 192 -0.94 -7.68 15.07
N LEU A 193 -1.15 -7.15 13.88
CA LEU A 193 -0.25 -6.13 13.31
C LEU A 193 -0.51 -4.70 13.80
N SER A 194 -1.66 -4.45 14.42
CA SER A 194 -2.02 -3.08 14.81
C SER A 194 -1.54 -2.65 16.19
N LEU A 195 -0.92 -1.47 16.25
CA LEU A 195 -0.52 -0.89 17.53
C LEU A 195 -1.00 0.54 17.72
N VAL A 196 -1.30 1.23 16.63
CA VAL A 196 -1.73 2.64 16.70
C VAL A 196 -3.24 2.72 16.53
N LYS A 197 -3.94 3.17 17.56
CA LYS A 197 -5.40 3.19 17.56
C LYS A 197 -5.94 4.50 18.08
N GLY A 198 -7.03 4.98 17.47
CA GLY A 198 -7.65 6.22 17.90
C GLY A 198 -7.77 7.22 16.77
N GLY A 199 -8.98 7.69 16.54
CA GLY A 199 -9.21 8.65 15.47
C GLY A 199 -8.65 10.01 15.80
N GLN A 200 -8.91 10.97 14.92
CA GLN A 200 -8.51 12.35 15.13
C GLN A 200 -8.58 12.68 16.61
N ASP A 201 -9.63 12.20 17.27
CA ASP A 201 -9.94 12.58 18.65
C ASP A 201 -8.94 12.18 19.72
N VAL A 202 -8.05 11.26 19.38
CA VAL A 202 -7.21 10.62 20.39
C VAL A 202 -5.77 11.16 20.37
N LYS A 203 -5.32 11.68 21.50
CA LYS A 203 -3.99 12.27 21.60
C LYS A 203 -2.92 11.21 21.85
N LYS A 204 -3.23 10.24 22.70
CA LYS A 204 -2.34 9.11 22.90
C LYS A 204 -2.93 7.87 22.22
N LYS A 205 -2.24 7.37 21.21
CA LYS A 205 -2.78 6.32 20.37
C LYS A 205 -2.07 4.98 20.57
N VAL A 206 -1.08 4.97 21.45
CA VAL A 206 -0.33 3.75 21.73
C VAL A 206 -0.25 3.51 23.24
N HIS A 207 -0.80 2.37 23.67
CA HIS A 207 -0.70 1.94 25.06
C HIS A 207 -0.09 0.55 25.15
N LEU A 208 1.15 0.47 25.62
CA LEU A 208 1.83 -0.83 25.78
C LEU A 208 1.60 -1.38 27.18
N ILE A 212 6.45 -7.70 27.09
N ILE A 212 2.45 -10.39 26.34
CA ILE A 212 7.30 -7.94 25.94
CA ILE A 212 3.72 -10.61 25.65
C ILE A 212 6.57 -8.68 24.82
C ILE A 212 3.52 -10.75 24.15
N HIS A 213 5.95 -7.95 23.91
N HIS A 213 4.25 -9.92 23.38
CA HIS A 213 5.39 -8.61 22.72
CA HIS A 213 4.09 -9.80 21.92
C HIS A 213 6.47 -8.69 21.65
C HIS A 213 5.42 -9.36 21.28
N PRO A 214 6.85 -9.92 21.24
N PRO A 214 6.33 -10.30 20.99
CA PRO A 214 7.90 -10.07 20.22
CA PRO A 214 7.64 -10.05 20.35
C PRO A 214 7.66 -9.23 18.97
C PRO A 214 7.60 -9.21 19.07
N PHE A 215 6.43 -9.16 18.45
CA PHE A 215 6.24 -8.39 17.24
C PHE A 215 6.56 -6.92 17.52
N ILE A 216 6.24 -6.47 18.74
CA ILE A 216 6.47 -5.08 19.08
C ILE A 216 7.97 -4.80 19.15
N ARG A 217 8.73 -5.65 19.85
CA ARG A 217 10.18 -5.51 19.90
C ARG A 217 10.81 -5.50 18.50
N LYS A 218 10.38 -6.43 17.63
CA LYS A 218 10.90 -6.53 16.27
C LYS A 218 10.65 -5.23 15.50
N SER A 219 9.45 -4.69 15.66
CA SER A 219 9.06 -3.49 14.94
C SER A 219 9.81 -2.27 15.47
N ILE A 220 9.97 -2.19 16.79
CA ILE A 220 10.79 -1.15 17.38
C ILE A 220 12.22 -1.19 16.83
N ASN A 221 12.80 -2.38 16.73
CA ASN A 221 14.18 -2.49 16.26
C ASN A 221 14.36 -2.04 14.81
N ILE A 222 13.30 -2.17 14.01
CA ILE A 222 13.34 -1.60 12.68
C ILE A 222 13.27 -0.08 12.77
N ILE A 223 12.32 0.44 13.54
CA ILE A 223 12.14 1.88 13.69
C ILE A 223 13.41 2.54 14.23
N LYS A 224 14.08 1.88 15.16
CA LYS A 224 15.31 2.44 15.74
C LYS A 224 16.37 2.80 14.70
N LYS A 225 16.37 2.11 13.57
CA LYS A 225 17.37 2.33 12.53
C LYS A 225 17.12 3.62 11.76
N TYR A 226 15.90 4.11 11.83
CA TYR A 226 15.48 5.30 11.09
C TYR A 226 15.27 6.48 12.00
N PHE A 227 15.02 6.21 13.27
CA PHE A 227 14.41 7.22 14.13
C PHE A 227 15.16 8.55 14.24
N GLU A 228 16.47 8.52 14.46
CA GLU A 228 17.21 9.75 14.63
C GLU A 228 17.12 10.66 13.40
N GLU A 229 17.44 10.10 12.24
CA GLU A 229 17.43 10.88 11.01
C GLU A 229 16.00 11.30 10.64
N TYR A 230 15.06 10.37 10.81
CA TYR A 230 13.68 10.65 10.44
C TYR A 230 13.02 11.63 11.41
N ALA A 231 12.95 11.25 12.69
CA ALA A 231 12.15 11.98 13.66
C ALA A 231 12.85 13.24 14.15
N LEU A 232 14.10 13.08 14.56
CA LEU A 232 14.83 14.15 15.21
C LEU A 232 15.51 15.09 14.20
N VAL A 233 16.11 14.53 13.17
CA VAL A 233 16.79 15.35 12.17
C VAL A 233 15.82 15.91 11.10
N ASN A 234 14.98 15.06 10.51
CA ASN A 234 14.10 15.51 9.43
C ASN A 234 12.78 16.14 9.90
N GLN A 235 12.01 15.42 10.73
CA GLN A 235 10.77 15.97 11.27
C GLN A 235 10.98 16.98 12.39
N ASP A 236 12.14 16.93 13.03
CA ASP A 236 12.46 17.87 14.10
C ASP A 236 11.28 17.97 15.08
N ILE A 237 10.85 16.83 15.60
CA ILE A 237 9.66 16.78 16.45
C ILE A 237 9.85 17.46 17.80
N LEU A 238 10.95 18.19 17.94
CA LEU A 238 11.24 18.93 19.16
C LEU A 238 11.96 20.22 18.80
N GLU A 239 11.74 20.70 17.58
CA GLU A 239 12.36 21.95 17.14
C GLU A 239 12.05 23.05 18.15
N ASN A 240 10.84 23.03 18.69
CA ASN A 240 10.37 24.08 19.59
C ASN A 240 9.16 23.67 20.43
N LYS A 241 8.56 24.67 21.06
CA LYS A 241 7.51 24.46 22.06
C LYS A 241 6.25 23.75 21.55
N GLU A 242 5.59 24.32 20.54
CA GLU A 242 4.31 23.76 20.11
C GLU A 242 4.43 22.37 19.50
N SER A 243 5.65 21.89 19.30
CA SER A 243 5.85 20.51 18.84
C SER A 243 6.25 19.57 19.97
N TRP A 244 7.18 19.98 20.82
CA TRP A 244 7.56 19.18 21.98
C TRP A 244 6.36 19.01 22.91
N ASP A 245 5.48 20.01 22.92
CA ASP A 245 4.21 19.91 23.62
C ASP A 245 3.48 18.65 23.16
N LYS A 246 3.29 18.50 21.85
CA LYS A 246 2.63 17.33 21.28
C LYS A 246 3.18 16.01 21.87
N ILE A 247 4.49 15.97 22.09
CA ILE A 247 5.13 14.80 22.68
C ILE A 247 4.77 14.70 24.16
N LEU A 248 4.87 15.82 24.85
CA LEU A 248 4.53 15.86 26.26
C LEU A 248 3.08 15.44 26.48
N ALA A 249 2.24 15.66 25.47
CA ALA A 249 0.85 15.25 25.54
C ALA A 249 0.75 13.73 25.61
N LEU A 250 1.87 13.05 25.36
CA LEU A 250 1.91 11.59 25.35
C LEU A 250 2.60 11.04 26.58
N VAL A 251 3.22 11.93 27.36
CA VAL A 251 3.91 11.53 28.59
C VAL A 251 3.03 11.83 29.79
N PRO A 252 3.05 10.93 30.79
CA PRO A 252 2.11 10.97 31.92
C PRO A 252 2.02 12.31 32.65
N GLU A 253 0.94 12.43 33.42
CA GLU A 253 0.50 13.67 34.03
C GLU A 253 1.59 14.66 34.49
N THR A 254 2.71 14.14 35.00
CA THR A 254 3.53 14.90 35.94
C THR A 254 4.95 15.38 35.57
N ILE A 255 5.27 15.55 34.29
CA ILE A 255 6.67 15.91 33.96
C ILE A 255 6.91 17.02 32.93
N HIS A 256 5.86 17.57 32.35
CA HIS A 256 6.04 18.66 31.41
C HIS A 256 7.02 19.68 32.00
N ASP A 257 7.03 19.79 33.33
CA ASP A 257 7.92 20.68 34.05
C ASP A 257 9.44 20.65 33.87
N GLU A 258 10.06 19.59 34.38
CA GLU A 258 11.46 19.27 34.10
C GLU A 258 11.75 19.39 32.61
N LEU A 259 11.08 18.56 31.83
CA LEU A 259 11.21 18.57 30.38
C LEU A 259 11.02 19.97 29.79
N GLN A 260 9.85 20.56 30.01
CA GLN A 260 9.53 21.88 29.48
C GLN A 260 10.70 22.86 29.64
N GLN A 261 11.33 22.82 30.81
CA GLN A 261 12.39 23.76 31.14
C GLN A 261 13.75 23.36 30.56
N SER A 262 14.00 22.06 30.42
CA SER A 262 15.26 21.60 29.84
C SER A 262 15.22 21.74 28.32
N PHE A 263 14.03 21.62 27.74
CA PHE A 263 13.85 21.91 26.33
C PHE A 263 14.11 23.40 26.15
N GLN A 264 13.94 24.15 27.23
CA GLN A 264 14.34 25.54 27.26
C GLN A 264 15.87 25.59 27.22
N LYS A 265 16.50 24.79 28.08
CA LYS A 265 17.95 24.73 28.18
C LYS A 265 18.57 24.03 26.97
N SER A 266 18.29 22.74 26.84
CA SER A 266 18.76 21.96 25.70
C SER A 266 18.52 22.76 24.43
N HIS A 267 19.25 22.43 23.37
CA HIS A 267 19.26 23.27 22.18
C HIS A 267 18.38 22.77 21.02
N ASN A 268 18.41 21.47 20.75
CA ASN A 268 17.61 20.91 19.66
C ASN A 268 17.02 19.52 19.96
N SER A 269 16.26 18.99 19.01
CA SER A 269 15.54 17.74 19.19
C SER A 269 16.43 16.60 19.67
N LEU A 270 17.63 16.49 19.08
CA LEU A 270 18.56 15.43 19.45
C LEU A 270 18.83 15.43 20.95
N GLN A 271 19.13 16.60 21.49
CA GLN A 271 19.45 16.72 22.92
C GLN A 271 18.22 16.45 23.78
N ARG A 272 17.09 17.05 23.39
CA ARG A 272 15.85 16.87 24.15
C ARG A 272 15.49 15.39 24.19
N TRP A 273 15.83 14.67 23.12
CA TRP A 273 15.52 13.24 23.05
C TRP A 273 16.44 12.40 23.94
N GLU A 274 17.75 12.61 23.83
CA GLU A 274 18.69 11.89 24.70
C GLU A 274 18.30 12.10 26.15
N HIS A 275 17.76 13.29 26.43
CA HIS A 275 17.26 13.62 27.76
C HIS A 275 16.01 12.84 28.09
N LEU A 276 14.97 13.09 27.30
CA LEU A 276 13.66 12.48 27.48
C LEU A 276 13.82 11.01 27.83
N LYS A 277 14.72 10.34 27.13
CA LYS A 277 15.08 8.96 27.45
C LYS A 277 15.61 8.64 28.85
N LYS A 278 16.62 9.39 29.27
CA LYS A 278 17.17 9.30 30.63
C LYS A 278 16.10 9.10 31.69
N VAL A 279 15.07 9.95 31.69
CA VAL A 279 14.10 9.95 32.78
C VAL A 279 13.19 8.72 32.77
N ALA A 280 12.42 8.56 31.70
CA ALA A 280 11.49 7.44 31.59
C ALA A 280 12.14 6.13 32.00
N LEU A 296 7.52 4.10 27.35
CA LEU A 296 7.32 5.52 27.12
C LEU A 296 8.04 5.96 25.85
N GLU A 297 9.34 5.71 25.83
CA GLU A 297 10.15 5.97 24.65
C GLU A 297 9.53 5.24 23.47
N TRP A 298 9.15 3.99 23.70
CA TRP A 298 8.56 3.13 22.67
C TRP A 298 7.17 3.58 22.26
N GLU A 299 6.35 3.99 23.22
CA GLU A 299 5.02 4.45 22.85
C GLU A 299 5.15 5.67 21.95
N ILE A 300 6.15 6.50 22.21
CA ILE A 300 6.41 7.70 21.41
C ILE A 300 6.86 7.33 19.99
N MET A 301 7.93 6.54 19.92
CA MET A 301 8.45 6.06 18.64
C MET A 301 7.36 5.38 17.82
N LEU A 302 6.56 4.52 18.43
CA LEU A 302 5.47 3.85 17.68
C LEU A 302 4.42 4.84 17.20
N GLN A 303 3.98 5.75 18.06
CA GLN A 303 2.93 6.69 17.63
C GLN A 303 3.41 7.54 16.44
N TYR A 304 4.69 7.88 16.43
CA TYR A 304 5.24 8.68 15.34
C TYR A 304 5.66 7.91 14.08
N CYS A 305 5.96 6.62 14.21
CA CYS A 305 6.60 5.90 13.11
C CYS A 305 5.91 4.62 12.62
N PHE A 306 5.01 4.05 13.42
CA PHE A 306 4.48 2.71 13.14
C PHE A 306 3.30 2.80 12.18
N PRO A 307 3.20 1.83 11.25
CA PRO A 307 2.13 1.85 10.26
C PRO A 307 0.75 1.89 10.89
N ARG A 308 -0.10 2.71 10.31
CA ARG A 308 -1.47 2.81 10.79
C ARG A 308 -2.30 2.00 9.80
N LEU A 309 -3.06 1.00 10.23
N LEU A 309 -3.08 1.08 10.39
CA LEU A 309 -3.51 0.02 9.24
CA LEU A 309 -3.75 -0.01 9.69
C LEU A 309 -4.77 0.29 8.42
C LEU A 309 -5.28 0.04 9.75
N ASP A 310 -5.92 0.19 9.09
N ASP A 310 -5.86 0.19 8.58
CA ASP A 310 -7.24 0.16 8.43
CA ASP A 310 -7.29 0.16 8.39
C ASP A 310 -7.79 -1.27 8.45
C ASP A 310 -7.78 -1.28 8.45
N ILE A 311 -8.44 -1.66 9.55
CA ILE A 311 -8.95 -3.03 9.66
C ILE A 311 -9.82 -3.32 8.45
N ASN A 312 -10.65 -2.35 8.08
CA ASN A 312 -11.58 -2.53 6.98
C ASN A 312 -11.01 -3.23 5.75
N VAL A 313 -9.97 -2.66 5.12
CA VAL A 313 -9.57 -3.21 3.82
C VAL A 313 -9.09 -4.66 3.90
N SER A 314 -8.51 -5.05 5.04
CA SER A 314 -7.89 -6.38 5.11
C SER A 314 -8.88 -7.44 5.58
N LYS A 315 -9.95 -7.02 6.26
CA LYS A 315 -10.79 -8.00 6.96
C LYS A 315 -11.75 -8.79 6.09
N GLY A 316 -12.23 -8.17 5.01
CA GLY A 316 -13.31 -8.77 4.24
C GLY A 316 -12.80 -9.49 3.01
N ILE A 317 -13.31 -10.71 2.81
CA ILE A 317 -12.87 -11.46 1.65
C ILE A 317 -13.36 -10.80 0.35
N ASN A 318 -14.45 -10.03 0.43
CA ASN A 318 -14.97 -9.44 -0.81
C ASN A 318 -14.47 -8.01 -1.10
N HIS A 319 -13.57 -7.49 -0.29
CA HIS A 319 -13.18 -6.10 -0.42
C HIS A 319 -12.41 -5.84 -1.72
N LEU A 320 -12.63 -4.67 -2.29
CA LEU A 320 -12.04 -4.26 -3.59
C LEU A 320 -10.87 -3.33 -3.36
N LEU A 321 -9.73 -3.60 -4.01
CA LEU A 321 -8.57 -2.73 -3.84
C LEU A 321 -8.02 -2.37 -5.21
N LYS A 322 -7.52 -1.14 -5.30
CA LYS A 322 -6.88 -0.65 -6.53
C LYS A 322 -5.93 -1.63 -7.17
N SER A 323 -6.09 -1.83 -8.47
CA SER A 323 -5.23 -2.76 -9.21
C SER A 323 -3.80 -2.23 -9.36
N PRO A 324 -2.82 -3.13 -9.21
CA PRO A 324 -1.50 -2.81 -9.76
C PRO A 324 -1.62 -2.39 -11.23
N PHE A 325 -0.74 -1.49 -11.64
CA PHE A 325 -0.75 -0.96 -13.01
C PHE A 325 -1.93 -0.07 -13.36
N SER A 326 -2.73 0.30 -12.34
CA SER A 326 -3.65 1.43 -12.44
C SER A 326 -2.94 2.71 -12.76
N VAL A 327 -3.71 3.69 -13.27
CA VAL A 327 -3.19 5.01 -13.53
C VAL A 327 -3.91 5.97 -12.60
N HIS A 328 -3.15 6.74 -11.81
CA HIS A 328 -3.78 7.69 -10.87
C HIS A 328 -4.38 8.87 -11.64
N PRO A 329 -5.68 9.14 -11.44
CA PRO A 329 -6.31 10.18 -12.25
C PRO A 329 -5.84 11.60 -11.93
N LYS A 330 -5.28 11.82 -10.74
CA LYS A 330 -4.75 13.15 -10.44
C LYS A 330 -3.26 13.31 -10.67
N THR A 331 -2.45 12.33 -10.24
CA THR A 331 -1.00 12.47 -10.43
C THR A 331 -0.53 11.86 -11.76
N GLY A 332 -1.36 11.02 -12.36
CA GLY A 332 -0.98 10.34 -13.59
C GLY A 332 -0.03 9.17 -13.34
N ARG A 333 0.43 9.00 -12.11
CA ARG A 333 1.44 7.97 -11.89
C ARG A 333 0.89 6.55 -11.97
N ILE A 334 1.73 5.63 -12.43
CA ILE A 334 1.35 4.22 -12.52
C ILE A 334 1.48 3.56 -11.13
N SER A 335 0.54 2.68 -10.79
CA SER A 335 0.65 1.92 -9.53
C SER A 335 1.66 0.81 -9.75
N VAL A 336 2.94 1.11 -9.52
CA VAL A 336 3.99 0.14 -9.84
C VAL A 336 4.35 -0.76 -8.68
N PRO A 337 4.73 -2.02 -8.99
CA PRO A 337 5.37 -2.86 -7.97
C PRO A 337 6.65 -2.22 -7.45
N ILE A 338 6.91 -2.48 -6.18
CA ILE A 338 8.07 -1.95 -5.47
C ILE A 338 9.01 -3.10 -5.21
N ASP A 339 10.28 -2.94 -5.59
CA ASP A 339 11.30 -3.97 -5.36
C ASP A 339 11.70 -3.96 -3.90
N LEU A 340 11.42 -5.05 -3.18
CA LEU A 340 11.65 -5.09 -1.74
C LEU A 340 13.13 -4.99 -1.43
N GLN A 341 13.97 -5.39 -2.38
CA GLN A 341 15.42 -5.33 -2.17
C GLN A 341 15.95 -3.92 -2.33
N LYS A 342 15.09 -3.02 -2.79
CA LYS A 342 15.49 -1.65 -2.96
C LYS A 342 14.50 -0.74 -2.27
N VAL A 343 13.85 -1.23 -1.21
CA VAL A 343 12.77 -0.47 -0.64
C VAL A 343 13.23 0.92 -0.15
N ASP A 344 14.44 1.01 0.39
CA ASP A 344 14.90 2.30 0.92
C ASP A 344 15.19 3.33 -0.18
N GLN A 345 15.34 2.84 -1.40
CA GLN A 345 15.61 3.73 -2.51
C GLN A 345 14.35 4.07 -3.31
N PHE A 346 13.20 3.53 -2.91
CA PHE A 346 12.01 3.78 -3.71
C PHE A 346 11.64 5.25 -3.64
N ASP A 347 11.40 5.85 -4.80
CA ASP A 347 11.13 7.27 -4.85
C ASP A 347 9.84 7.49 -5.64
N PRO A 348 8.74 7.81 -4.94
CA PRO A 348 7.45 8.02 -5.60
C PRO A 348 7.54 9.11 -6.64
N PHE A 349 8.46 10.05 -6.44
CA PHE A 349 8.55 11.20 -7.33
C PHE A 349 9.15 10.88 -8.69
N THR A 350 9.80 9.74 -8.80
CA THR A 350 10.36 9.30 -10.08
C THR A 350 9.50 8.22 -10.73
N VAL A 351 8.39 7.84 -10.08
CA VAL A 351 7.50 6.87 -10.72
C VAL A 351 6.92 7.49 -11.96
N PRO A 352 7.02 6.79 -13.08
CA PRO A 352 6.55 7.39 -14.34
C PRO A 352 5.06 7.69 -14.36
N THR A 353 4.70 8.80 -14.98
CA THR A 353 3.29 9.09 -15.26
C THR A 353 2.91 8.48 -16.58
N ILE A 354 1.60 8.38 -16.80
CA ILE A 354 1.10 7.80 -18.05
C ILE A 354 1.55 8.66 -19.23
N SER A 355 1.57 9.97 -19.04
CA SER A 355 2.07 10.83 -20.11
C SER A 355 3.53 10.56 -20.44
N PHE A 356 4.35 10.38 -19.42
CA PHE A 356 5.77 10.14 -19.64
C PHE A 356 5.99 8.87 -20.44
N ILE A 357 5.31 7.78 -20.08
CA ILE A 357 5.57 6.52 -20.75
C ILE A 357 4.92 6.49 -22.14
N CYS A 358 3.81 7.22 -22.32
CA CYS A 358 3.23 7.27 -23.67
C CYS A 358 4.18 8.02 -24.59
N ARG A 359 4.83 9.05 -24.08
CA ARG A 359 5.78 9.79 -24.92
C ARG A 359 7.00 8.96 -25.22
N GLU A 360 7.39 8.10 -24.29
CA GLU A 360 8.49 7.18 -24.57
C GLU A 360 8.06 6.22 -25.68
N LEU A 361 6.85 5.66 -25.57
CA LEU A 361 6.36 4.70 -26.54
C LEU A 361 6.28 5.36 -27.91
N ASP A 362 5.90 6.64 -27.93
CA ASP A 362 5.78 7.34 -29.23
C ASP A 362 7.13 7.36 -29.95
N ALA A 363 8.22 7.47 -29.19
CA ALA A 363 9.56 7.59 -29.77
C ALA A 363 10.20 6.24 -30.04
N THR A 364 9.82 5.20 -29.29
CA THR A 364 10.53 3.91 -29.41
C THR A 364 9.73 2.80 -30.08
N ARG A 365 8.41 2.91 -30.06
CA ARG A 365 7.50 1.94 -30.70
CA ARG A 365 7.51 1.94 -30.70
C ARG A 365 7.56 0.55 -30.07
N ASP A 366 8.07 0.47 -28.84
CA ASP A 366 8.26 -0.82 -28.22
C ASP A 366 7.99 -0.68 -26.73
N TYR A 367 7.01 -1.43 -26.22
CA TYR A 367 6.68 -1.32 -24.81
C TYR A 367 7.85 -1.72 -23.92
N LYS A 368 8.77 -2.54 -24.44
CA LYS A 368 9.95 -2.89 -23.68
C LYS A 368 10.94 -1.74 -23.55
N LYS A 369 10.77 -0.72 -24.39
CA LYS A 369 11.71 0.41 -24.42
C LYS A 369 11.04 1.63 -23.82
N THR A 370 10.46 1.45 -22.63
CA THR A 370 9.88 2.56 -21.88
C THR A 370 10.25 2.33 -20.42
N SER A 371 9.95 3.33 -19.61
CA SER A 371 10.34 3.30 -18.20
C SER A 371 9.42 2.42 -17.38
N LEU A 372 8.42 1.84 -18.04
CA LEU A 372 7.54 0.88 -17.37
C LEU A 372 8.25 -0.47 -17.25
N ALA A 373 9.17 -0.74 -18.18
CA ALA A 373 9.71 -2.09 -18.30
C ALA A 373 10.37 -2.61 -17.02
N PRO A 374 11.12 -1.75 -16.31
CA PRO A 374 11.73 -2.22 -15.06
C PRO A 374 10.74 -2.61 -13.96
N TYR A 375 9.58 -1.97 -13.93
CA TYR A 375 8.59 -2.33 -12.91
C TYR A 375 7.91 -3.62 -13.29
N VAL A 376 7.73 -3.84 -14.58
CA VAL A 376 7.22 -5.12 -15.06
C VAL A 376 8.19 -6.25 -14.71
N LYS A 377 9.49 -5.96 -14.73
CA LYS A 377 10.49 -6.95 -14.33
C LYS A 377 10.34 -7.37 -12.87
N VAL A 378 10.09 -6.41 -11.97
CA VAL A 378 9.79 -6.72 -10.56
C VAL A 378 8.56 -7.63 -10.46
N PHE A 379 7.51 -7.31 -11.20
CA PHE A 379 6.29 -8.11 -11.23
C PHE A 379 6.63 -9.53 -11.73
N GLU A 380 7.44 -9.63 -12.77
CA GLU A 380 7.82 -10.95 -13.29
CA GLU A 380 7.87 -10.94 -13.31
C GLU A 380 8.56 -11.82 -12.28
N HIS A 381 9.41 -11.21 -11.45
CA HIS A 381 10.14 -11.96 -10.42
C HIS A 381 9.14 -12.56 -9.41
N PHE A 382 8.13 -11.76 -9.05
CA PHE A 382 7.03 -12.19 -8.19
C PHE A 382 6.28 -13.33 -8.86
N LEU A 383 5.98 -13.21 -10.15
CA LEU A 383 5.27 -14.29 -10.82
C LEU A 383 6.10 -15.56 -10.94
N GLU A 384 7.41 -15.40 -11.15
CA GLU A 384 8.28 -16.56 -11.26
C GLU A 384 8.29 -17.36 -9.96
N ASN A 385 8.30 -16.67 -8.83
CA ASN A 385 8.29 -17.35 -7.54
C ASN A 385 6.97 -18.07 -7.31
N LEU A 386 5.84 -17.46 -7.71
CA LEU A 386 4.56 -18.14 -7.62
C LEU A 386 4.54 -19.42 -8.45
N ASP A 387 5.06 -19.35 -9.67
CA ASP A 387 5.10 -20.52 -10.55
C ASP A 387 5.98 -21.62 -9.96
N LYS A 388 7.13 -21.24 -9.43
CA LYS A 388 8.01 -22.21 -8.79
C LYS A 388 7.31 -22.93 -7.63
N SER A 389 6.57 -22.18 -6.82
CA SER A 389 5.83 -22.76 -5.70
C SER A 389 4.81 -23.80 -6.13
N ARG A 390 4.20 -23.59 -7.30
CA ARG A 390 3.24 -24.55 -7.85
C ARG A 390 3.98 -25.75 -8.43
N LYS A 391 5.29 -25.59 -8.58
CA LYS A 391 6.18 -26.62 -9.14
C LYS A 391 6.24 -26.53 -10.66
ZN ZN B . 6.58 15.58 3.83
C1 CIT C . -7.15 9.84 -4.30
O1 CIT C . -8.38 9.78 -4.57
O2 CIT C . -6.48 10.88 -4.61
C2 CIT C . -6.45 8.72 -3.63
C3 CIT C . -6.50 7.35 -4.23
O7 CIT C . -6.90 7.43 -5.54
C4 CIT C . -7.45 6.52 -3.42
C5 CIT C . -8.31 5.45 -4.03
O3 CIT C . -9.47 5.75 -4.43
O4 CIT C . -7.89 4.27 -4.13
C6 CIT C . -5.08 6.88 -4.18
O5 CIT C . -4.71 5.75 -4.61
O6 CIT C . -4.24 7.69 -3.71
H21 CIT C . -5.51 8.98 -3.56
H22 CIT C . -6.81 8.64 -2.72
HO7 CIT C . -6.21 7.66 -6.05
H41 CIT C . -6.95 6.12 -2.70
H42 CIT C . -8.08 7.14 -3.02
C1 CIT D . -24.98 -9.42 -14.07
O1 CIT D . -25.75 -10.31 -13.59
O2 CIT D . -24.12 -8.93 -13.30
C2 CIT D . -25.07 -8.99 -15.51
C3 CIT D . -25.90 -7.83 -15.95
O7 CIT D . -25.83 -7.62 -17.33
C4 CIT D . -25.56 -6.61 -15.15
C5 CIT D . -26.47 -5.43 -15.28
O3 CIT D . -27.71 -5.62 -15.41
O4 CIT D . -26.01 -4.26 -15.26
C6 CIT D . -27.30 -8.17 -15.69
O5 CIT D . -28.07 -8.46 -16.65
O6 CIT D . -27.66 -8.18 -14.49
H21 CIT D . -24.16 -8.81 -15.79
H22 CIT D . -25.37 -9.76 -16.01
HO7 CIT D . -25.19 -7.04 -17.52
H41 CIT D . -25.55 -6.87 -14.22
H42 CIT D . -24.66 -6.32 -15.40
C1 CIT E . 12.01 -20.71 7.57
O1 CIT E . 13.15 -20.38 7.14
O2 CIT E . 11.59 -21.89 7.43
C2 CIT E . 11.16 -19.69 8.25
C3 CIT E . 9.98 -19.13 7.54
O7 CIT E . 10.07 -19.34 6.18
C4 CIT E . 9.96 -17.67 7.80
C5 CIT E . 11.09 -16.87 7.21
O3 CIT E . 11.25 -16.77 5.96
O4 CIT E . 11.88 -16.31 8.02
C6 CIT E . 8.76 -19.76 8.12
O5 CIT E . 7.91 -20.33 7.39
O6 CIT E . 8.58 -19.73 9.38
H21 CIT E . 10.82 -20.10 9.07
H22 CIT E . 11.74 -18.96 8.51
HO7 CIT E . 10.51 -20.09 6.03
H41 CIT E . 9.11 -17.30 7.52
H42 CIT E . 10.04 -17.54 8.75
#